data_8W77
#
_entry.id   8W77
#
_cell.length_a   1.00
_cell.length_b   1.00
_cell.length_c   1.00
_cell.angle_alpha   90.00
_cell.angle_beta   90.00
_cell.angle_gamma   90.00
#
_symmetry.space_group_name_H-M   'P 1'
#
_entity_poly.entity_id   1
_entity_poly.type   'polypeptide(L)'
_entity_poly.pdbx_seq_one_letter_code
;DYKDDDDAIDMPTSNHTSFHPSSFLLVGIPGLESVHIWISIPFCAMYLIALLGNSTLLFVIKTERSLHEPMYYFLAMLAA
TDLVLSTSTIPKMLAIFWFNLKEISFDACLTQMFFIHSFTGMESGVLLAMAFDRYVAICYPLRYTTILTNKVIGKIGMAV
VLRAVLLVIPFPFLLKRLPFCGTNIIPHTYCEHMGVAKLACADIKVNIIYGLFVALLIVGLDVILIALSYVLILRAARRQ
LADLEDNWETLNDNLKVIEKADNAAQVKDALTKMRAAALDAQKATPPKLEDKSPDSPEMKDFRHGFDILVGQIDDALKLA
NEGKVKEAQAAAEQLKTTRNAYIQKYLERARSTLLKALSTCGSHICVILAFYTPAFFSFLTHRFGHHIPPYIHILLANLY
LLVPPMLNPIIYGVKTKQIRERVLKIFFKKKASGLEVLFQ
;
_entity_poly.pdbx_strand_id   A
#
# COMPACT_ATOMS: atom_id res chain seq x y z
N PRO A 21 -16.25 21.96 9.25
CA PRO A 21 -16.50 21.38 10.59
C PRO A 21 -15.22 21.31 11.39
N SER A 22 -15.31 20.94 12.66
CA SER A 22 -14.13 20.87 13.50
C SER A 22 -13.66 19.43 13.69
N SER A 23 -14.59 18.53 13.97
CA SER A 23 -14.23 17.15 14.29
C SER A 23 -15.15 16.19 13.56
N PHE A 24 -14.65 14.98 13.34
CA PHE A 24 -15.39 13.89 12.71
C PHE A 24 -15.53 12.76 13.71
N LEU A 25 -16.72 12.16 13.76
CA LEU A 25 -17.03 11.09 14.71
C LEU A 25 -17.00 9.76 13.97
N LEU A 26 -15.85 9.09 14.01
CA LEU A 26 -15.71 7.79 13.37
C LEU A 26 -16.53 6.74 14.11
N VAL A 27 -16.80 5.64 13.43
CA VAL A 27 -17.50 4.51 14.03
C VAL A 27 -16.90 3.20 13.56
N ILE A 29 -16.48 -0.86 12.36
CA ILE A 29 -17.46 -1.93 12.26
C ILE A 29 -18.78 -1.50 12.86
N PRO A 30 -19.70 -1.01 12.04
CA PRO A 30 -20.99 -0.55 12.57
C PRO A 30 -21.92 -1.69 12.93
N GLY A 31 -21.92 -2.79 12.18
CA GLY A 31 -22.83 -3.88 12.48
C GLY A 31 -22.51 -4.57 13.80
N LEU A 32 -21.23 -4.83 14.05
CA LEU A 32 -20.79 -5.52 15.26
C LEU A 32 -20.38 -4.50 16.30
N GLU A 33 -21.38 -3.77 16.79
CA GLU A 33 -21.15 -2.76 17.82
C GLU A 33 -21.28 -3.31 19.23
N SER A 34 -21.63 -4.59 19.38
CA SER A 34 -21.81 -5.17 20.71
C SER A 34 -20.46 -5.52 21.35
N VAL A 35 -19.67 -6.35 20.68
CA VAL A 35 -18.37 -6.79 21.18
C VAL A 35 -17.30 -6.17 20.30
N HIS A 36 -16.43 -5.36 20.91
CA HIS A 36 -15.36 -4.69 20.19
C HIS A 36 -13.97 -5.03 20.68
N ILE A 37 -13.80 -5.43 21.94
CA ILE A 37 -12.47 -5.75 22.44
C ILE A 37 -11.91 -6.98 21.73
N TRP A 38 -12.73 -8.00 21.51
CA TRP A 38 -12.27 -9.24 20.90
C TRP A 38 -11.83 -9.08 19.45
N ILE A 39 -12.32 -8.06 18.75
CA ILE A 39 -11.96 -7.85 17.35
C ILE A 39 -10.58 -7.21 17.20
N SER A 40 -10.09 -6.53 18.24
CA SER A 40 -8.85 -5.77 18.14
C SER A 40 -7.60 -6.62 18.30
N ILE A 41 -7.74 -7.85 18.77
CA ILE A 41 -6.58 -8.73 18.99
C ILE A 41 -5.87 -9.03 17.67
N PRO A 42 -6.57 -9.47 16.61
CA PRO A 42 -5.85 -9.70 15.35
C PRO A 42 -5.16 -8.47 14.80
N PHE A 43 -5.79 -7.30 14.90
CA PHE A 43 -5.19 -6.08 14.36
C PHE A 43 -3.95 -5.70 15.14
N CYS A 44 -4.00 -5.78 16.47
CA CYS A 44 -2.84 -5.48 17.29
C CYS A 44 -1.70 -6.45 16.99
N ALA A 45 -2.03 -7.74 16.87
CA ALA A 45 -1.00 -8.72 16.55
C ALA A 45 -0.37 -8.47 15.19
N MET A 46 -1.19 -8.15 14.18
CA MET A 46 -0.67 -7.88 12.85
C MET A 46 0.21 -6.64 12.85
N TYR A 47 -0.20 -5.59 13.56
CA TYR A 47 0.61 -4.38 13.61
C TYR A 47 1.94 -4.66 14.30
N LEU A 48 1.94 -5.40 15.40
CA LEU A 48 3.19 -5.72 16.09
C LEU A 48 4.10 -6.54 15.19
N ILE A 49 3.53 -7.53 14.49
CA ILE A 49 4.33 -8.39 13.62
C ILE A 49 4.96 -7.56 12.49
N ALA A 50 4.16 -6.69 11.87
CA ALA A 50 4.68 -5.86 10.78
C ALA A 50 5.77 -4.92 11.26
N LEU A 51 5.56 -4.28 12.42
CA LEU A 51 6.57 -3.37 12.95
C LEU A 51 7.86 -4.11 13.25
N LEU A 52 7.78 -5.27 13.92
CA LEU A 52 8.97 -6.03 14.24
C LEU A 52 9.70 -6.50 12.99
N GLY A 53 8.96 -7.01 12.00
CA GLY A 53 9.59 -7.50 10.78
C GLY A 53 10.28 -6.39 10.02
N ASN A 54 9.62 -5.25 9.85
CA ASN A 54 10.23 -4.15 9.13
C ASN A 54 11.44 -3.60 9.87
N SER A 55 11.35 -3.50 11.20
CA SER A 55 12.48 -3.04 11.98
C SER A 55 13.67 -3.97 11.84
N THR A 56 13.43 -5.29 11.88
CA THR A 56 14.51 -6.24 11.71
C THR A 56 15.11 -6.15 10.32
N LEU A 57 14.26 -6.01 9.29
CA LEU A 57 14.76 -5.93 7.93
C LEU A 57 15.64 -4.70 7.73
N LEU A 58 15.25 -3.57 8.31
CA LEU A 58 16.08 -2.37 8.19
C LEU A 58 17.34 -2.49 9.04
N PHE A 59 17.25 -3.16 10.20
CA PHE A 59 18.40 -3.26 11.08
C PHE A 59 19.48 -4.16 10.49
N VAL A 60 19.07 -5.22 9.78
CA VAL A 60 20.05 -6.18 9.27
C VAL A 60 20.98 -5.53 8.25
N ILE A 61 20.46 -4.58 7.47
CA ILE A 61 21.28 -3.91 6.47
C ILE A 61 22.30 -3.01 7.13
N LYS A 62 21.91 -2.32 8.19
CA LYS A 62 22.80 -1.41 8.90
C LYS A 62 24.01 -2.13 9.46
N LEU A 67 25.87 -6.97 1.20
CA LEU A 67 24.47 -6.88 0.83
C LEU A 67 24.20 -5.60 0.04
N HIS A 68 25.27 -4.86 -0.27
CA HIS A 68 25.16 -3.59 -0.99
C HIS A 68 24.89 -3.89 -2.46
N GLU A 69 23.63 -4.23 -2.76
CA GLU A 69 23.17 -4.52 -4.10
C GLU A 69 21.90 -3.74 -4.37
N PRO A 70 21.64 -3.38 -5.63
CA PRO A 70 20.44 -2.59 -5.93
C PRO A 70 19.14 -3.24 -5.48
N MET A 71 19.02 -4.56 -5.65
CA MET A 71 17.79 -5.24 -5.25
C MET A 71 17.55 -5.07 -3.75
N TYR A 72 18.61 -5.15 -2.96
CA TYR A 72 18.46 -4.96 -1.52
C TYR A 72 18.11 -3.52 -1.19
N TYR A 73 18.60 -2.56 -1.98
CA TYR A 73 18.20 -1.16 -1.77
C TYR A 73 16.71 -0.99 -2.00
N PHE A 74 16.19 -1.58 -3.09
CA PHE A 74 14.76 -1.48 -3.34
C PHE A 74 13.95 -2.20 -2.27
N LEU A 75 14.47 -3.34 -1.77
CA LEU A 75 13.79 -4.05 -0.69
C LEU A 75 13.74 -3.19 0.57
N ALA A 76 14.84 -2.50 0.88
CA ALA A 76 14.86 -1.63 2.05
C ALA A 76 13.88 -0.48 1.89
N MET A 77 13.82 0.14 0.70
CA MET A 77 12.87 1.21 0.47
C MET A 77 11.44 0.71 0.62
N LEU A 78 11.15 -0.48 0.08
CA LEU A 78 9.83 -1.08 0.23
C LEU A 78 9.48 -1.28 1.69
N ALA A 79 10.43 -1.84 2.46
CA ALA A 79 10.16 -2.10 3.87
C ALA A 79 9.90 -0.81 4.64
N ALA A 80 10.70 0.23 4.38
CA ALA A 80 10.51 1.49 5.07
C ALA A 80 9.16 2.12 4.75
N THR A 81 8.82 2.17 3.45
CA THR A 81 7.53 2.73 3.06
C THR A 81 6.38 1.93 3.66
N ASP A 82 6.49 0.60 3.65
CA ASP A 82 5.44 -0.25 4.20
C ASP A 82 5.27 -0.02 5.70
N LEU A 83 6.38 0.08 6.44
CA LEU A 83 6.29 0.32 7.87
C LEU A 83 5.64 1.67 8.17
N VAL A 84 6.03 2.71 7.43
CA VAL A 84 5.48 4.03 7.69
C VAL A 84 4.00 4.06 7.33
N LEU A 85 3.61 3.34 6.28
CA LEU A 85 2.18 3.24 5.94
C LEU A 85 1.40 2.52 7.03
N SER A 86 1.95 1.40 7.54
CA SER A 86 1.23 0.63 8.55
C SER A 86 1.09 1.42 9.85
N THR A 87 2.11 2.19 10.22
CA THR A 87 2.05 2.94 11.47
C THR A 87 1.08 4.12 11.41
N SER A 88 0.57 4.45 10.23
CA SER A 88 -0.28 5.62 10.07
C SER A 88 -1.77 5.31 10.14
N THR A 89 -2.16 4.06 10.31
CA THR A 89 -3.57 3.71 10.33
C THR A 89 -3.99 2.89 11.54
N ILE A 90 -3.11 2.01 12.03
CA ILE A 90 -3.49 1.12 13.13
C ILE A 90 -3.83 1.86 14.42
N PRO A 91 -3.01 2.80 14.91
CA PRO A 91 -3.28 3.37 16.25
C PRO A 91 -4.66 4.00 16.39
N LYS A 92 -5.16 4.66 15.35
CA LYS A 92 -6.50 5.23 15.44
C LYS A 92 -7.56 4.14 15.60
N MET A 93 -7.44 3.06 14.83
CA MET A 93 -8.40 1.96 14.94
C MET A 93 -8.32 1.31 16.31
N LEU A 94 -7.11 1.10 16.82
CA LEU A 94 -6.96 0.49 18.14
C LEU A 94 -7.55 1.39 19.22
N ALA A 95 -7.33 2.70 19.12
CA ALA A 95 -7.89 3.63 20.09
C ALA A 95 -9.41 3.63 20.04
N ILE A 96 -9.99 3.59 18.84
CA ILE A 96 -11.44 3.53 18.72
C ILE A 96 -11.97 2.25 19.35
N PHE A 97 -11.29 1.13 19.10
CA PHE A 97 -11.76 -0.15 19.62
C PHE A 97 -11.68 -0.21 21.14
N TRP A 98 -10.58 0.27 21.71
CA TRP A 98 -10.35 0.12 23.15
C TRP A 98 -10.88 1.31 23.94
N PHE A 99 -10.37 2.51 23.66
CA PHE A 99 -10.68 3.68 24.48
C PHE A 99 -11.99 4.34 24.10
N ASN A 100 -12.60 3.95 22.99
CA ASN A 100 -13.88 4.52 22.53
C ASN A 100 -13.80 6.02 22.31
N LEU A 101 -12.60 6.53 21.99
CA LEU A 101 -12.42 7.94 21.65
C LEU A 101 -12.50 8.06 20.13
N LYS A 102 -13.66 8.45 19.63
CA LYS A 102 -13.98 8.39 18.20
C LYS A 102 -14.05 9.77 17.57
N GLU A 103 -13.19 10.69 18.01
CA GLU A 103 -13.14 12.04 17.46
C GLU A 103 -11.81 12.26 16.76
N ILE A 104 -11.87 12.73 15.51
CA ILE A 104 -10.68 13.00 14.71
C ILE A 104 -10.76 14.42 14.16
N SER A 105 -9.69 15.18 14.31
CA SER A 105 -9.67 16.52 13.75
C SER A 105 -9.62 16.47 12.22
N PHE A 106 -10.16 17.51 11.59
CA PHE A 106 -10.21 17.56 10.13
C PHE A 106 -8.82 17.52 9.51
N ASP A 107 -7.89 18.23 10.12
CA ASP A 107 -6.52 18.25 9.63
C ASP A 107 -5.93 16.85 9.67
N ALA A 108 -6.21 16.13 10.75
CA ALA A 108 -5.74 14.76 10.89
C ALA A 108 -6.32 13.87 9.79
N CYS A 109 -7.60 14.06 9.47
CA CYS A 109 -8.22 13.26 8.42
C CYS A 109 -7.55 13.51 7.08
N LEU A 110 -7.32 14.79 6.73
CA LEU A 110 -6.66 15.09 5.47
C LEU A 110 -5.25 14.51 5.43
N THR A 111 -4.51 14.65 6.53
CA THR A 111 -3.16 14.11 6.59
C THR A 111 -3.16 12.60 6.42
N GLN A 112 -4.06 11.90 7.09
CA GLN A 112 -4.11 10.45 7.00
C GLN A 112 -4.46 10.01 5.58
N MET A 113 -5.42 10.68 4.95
CA MET A 113 -5.76 10.36 3.56
C MET A 113 -4.54 10.50 2.65
N PHE A 114 -3.88 11.66 2.71
CA PHE A 114 -2.74 11.89 1.83
C PHE A 114 -1.64 10.87 2.08
N PHE A 115 -1.31 10.61 3.35
CA PHE A 115 -0.25 9.66 3.67
C PHE A 115 -0.57 8.27 3.15
N ILE A 116 -1.79 7.79 3.38
CA ILE A 116 -2.15 6.44 2.95
C ILE A 116 -2.02 6.31 1.44
N HIS A 117 -2.62 7.24 0.69
CA HIS A 117 -2.61 7.09 -0.76
C HIS A 117 -1.20 7.25 -1.33
N SER A 118 -0.43 8.21 -0.82
CA SER A 118 0.92 8.40 -1.31
C SER A 118 1.78 7.18 -1.06
N PHE A 119 1.62 6.55 0.12
CA PHE A 119 2.45 5.39 0.41
C PHE A 119 2.04 4.17 -0.40
N THR A 120 0.75 4.00 -0.70
CA THR A 120 0.36 2.94 -1.61
C THR A 120 0.99 3.13 -2.98
N GLY A 121 0.96 4.37 -3.50
CA GLY A 121 1.61 4.64 -4.77
C GLY A 121 3.10 4.36 -4.74
N MET A 122 3.77 4.74 -3.66
CA MET A 122 5.19 4.48 -3.62
C MET A 122 5.44 2.99 -3.59
N GLU A 123 4.68 2.24 -2.81
CA GLU A 123 4.89 0.81 -2.78
C GLU A 123 4.77 0.19 -4.17
N SER A 124 3.77 0.62 -4.94
CA SER A 124 3.64 0.12 -6.30
C SER A 124 4.86 0.49 -7.16
N GLY A 125 5.32 1.73 -7.04
CA GLY A 125 6.50 2.13 -7.79
C GLY A 125 7.73 1.34 -7.41
N VAL A 126 7.89 1.04 -6.12
CA VAL A 126 9.04 0.26 -5.68
C VAL A 126 8.99 -1.14 -6.26
N LEU A 127 7.79 -1.74 -6.29
CA LEU A 127 7.66 -3.06 -6.91
C LEU A 127 8.07 -3.03 -8.39
N LEU A 128 7.64 -1.99 -9.10
CA LEU A 128 8.02 -1.86 -10.51
C LEU A 128 9.54 -1.76 -10.65
N ALA A 129 10.17 -0.95 -9.80
CA ALA A 129 11.62 -0.81 -9.86
C ALA A 129 12.33 -2.13 -9.58
N MET A 130 11.81 -2.90 -8.63
CA MET A 130 12.39 -4.22 -8.34
C MET A 130 12.29 -5.14 -9.56
N ALA A 131 11.15 -5.11 -10.24
CA ALA A 131 11.00 -5.92 -11.45
C ALA A 131 12.01 -5.52 -12.52
N PHE A 132 12.20 -4.20 -12.71
CA PHE A 132 13.19 -3.75 -13.69
C PHE A 132 14.60 -4.20 -13.31
N ASP A 133 14.95 -4.13 -12.03
CA ASP A 133 16.26 -4.58 -11.60
C ASP A 133 16.45 -6.06 -11.88
N ARG A 134 15.43 -6.88 -11.61
CA ARG A 134 15.53 -8.31 -11.88
C ARG A 134 15.71 -8.56 -13.37
N TYR A 135 14.98 -7.84 -14.22
CA TYR A 135 15.14 -8.02 -15.67
C TYR A 135 16.55 -7.67 -16.11
N VAL A 136 17.07 -6.52 -15.66
CA VAL A 136 18.40 -6.11 -16.11
C VAL A 136 19.46 -7.05 -15.56
N ALA A 137 19.18 -7.71 -14.44
CA ALA A 137 20.11 -8.70 -13.92
C ALA A 137 20.11 -9.96 -14.78
N ILE A 138 18.92 -10.42 -15.17
CA ILE A 138 18.84 -11.72 -15.84
C ILE A 138 19.29 -11.61 -17.30
N CYS A 139 18.82 -10.59 -18.01
CA CYS A 139 19.10 -10.51 -19.44
C CYS A 139 20.52 -10.02 -19.72
N TYR A 140 21.10 -9.22 -18.82
CA TYR A 140 22.46 -8.72 -18.97
C TYR A 140 23.24 -9.00 -17.69
N PRO A 141 23.78 -10.21 -17.54
CA PRO A 141 24.53 -10.53 -16.32
C PRO A 141 25.89 -9.86 -16.23
N LEU A 142 26.50 -9.49 -17.36
CA LEU A 142 27.83 -8.91 -17.34
C LEU A 142 27.82 -7.39 -17.24
N ARG A 143 26.73 -6.73 -17.63
CA ARG A 143 26.62 -5.28 -17.58
C ARG A 143 25.63 -4.84 -16.50
N TYR A 144 25.48 -5.65 -15.47
CA TYR A 144 24.53 -5.34 -14.41
C TYR A 144 24.97 -4.21 -13.52
N THR A 145 26.26 -4.17 -13.16
CA THR A 145 26.80 -3.10 -12.33
C THR A 145 27.02 -1.80 -13.10
N THR A 146 27.49 -1.88 -14.35
CA THR A 146 27.83 -0.70 -15.12
C THR A 146 26.60 0.10 -15.55
N ILE A 147 25.44 -0.57 -15.61
CA ILE A 147 24.18 0.06 -15.98
C ILE A 147 23.46 0.67 -14.78
N LEU A 148 23.49 -0.04 -13.66
CA LEU A 148 22.86 0.39 -12.43
C LEU A 148 24.00 1.00 -11.63
N THR A 149 23.91 2.31 -11.38
CA THR A 149 24.92 3.04 -10.64
C THR A 149 24.22 3.74 -9.50
N ASN A 150 24.88 3.95 -8.39
CA ASN A 150 24.21 4.52 -7.23
C ASN A 150 23.48 5.79 -7.61
N LYS A 151 24.02 6.54 -8.56
CA LYS A 151 23.38 7.78 -8.98
C LYS A 151 22.10 7.49 -9.74
N VAL A 152 22.13 6.52 -10.67
CA VAL A 152 20.96 6.23 -11.47
C VAL A 152 19.86 5.62 -10.61
N ILE A 153 20.24 4.76 -9.67
CA ILE A 153 19.26 4.17 -8.76
C ILE A 153 18.60 5.24 -7.91
N GLY A 154 19.40 6.18 -7.41
CA GLY A 154 18.83 7.29 -6.65
C GLY A 154 17.91 8.15 -7.49
N LYS A 155 18.29 8.41 -8.73
CA LYS A 155 17.43 9.19 -9.62
C LYS A 155 16.10 8.47 -9.87
N ILE A 156 16.16 7.15 -10.07
CA ILE A 156 14.92 6.38 -10.27
C ILE A 156 14.04 6.43 -9.04
N GLY A 157 14.63 6.27 -7.86
CA GLY A 157 13.85 6.33 -6.63
C GLY A 157 13.23 7.71 -6.42
N MET A 158 14.00 8.76 -6.66
CA MET A 158 13.47 10.11 -6.54
C MET A 158 12.35 10.36 -7.55
N ALA A 159 12.50 9.84 -8.76
CA ALA A 159 11.44 9.99 -9.76
C ALA A 159 10.16 9.28 -9.31
N VAL A 160 10.30 8.08 -8.76
CA VAL A 160 9.12 7.35 -8.29
C VAL A 160 8.43 8.11 -7.16
N VAL A 161 9.22 8.59 -6.20
CA VAL A 161 8.64 9.32 -5.07
C VAL A 161 7.96 10.59 -5.54
N LEU A 162 8.60 11.33 -6.45
CA LEU A 162 8.02 12.56 -6.96
C LEU A 162 6.73 12.30 -7.73
N ARG A 163 6.70 11.23 -8.54
CA ARG A 163 5.49 10.90 -9.27
C ARG A 163 4.35 10.56 -8.32
N ALA A 164 4.63 9.74 -7.30
CA ALA A 164 3.59 9.39 -6.34
C ALA A 164 3.08 10.63 -5.59
N VAL A 165 3.99 11.49 -5.14
CA VAL A 165 3.58 12.67 -4.39
C VAL A 165 2.78 13.62 -5.26
N LEU A 166 3.21 13.83 -6.49
CA LEU A 166 2.48 14.70 -7.38
C LEU A 166 1.10 14.17 -7.70
N LEU A 167 0.99 12.85 -7.89
CA LEU A 167 -0.31 12.30 -8.22
C LEU A 167 -1.22 12.19 -7.00
N VAL A 168 -0.67 12.25 -5.79
CA VAL A 168 -1.48 12.16 -4.58
C VAL A 168 -1.78 13.53 -3.96
N ILE A 169 -1.08 14.55 -4.42
CA ILE A 169 -1.26 15.92 -3.91
C ILE A 169 -2.62 16.57 -4.19
N PRO A 170 -3.23 16.30 -5.34
CA PRO A 170 -4.52 16.95 -5.64
C PRO A 170 -5.70 16.46 -4.79
N PHE A 171 -5.63 15.28 -4.19
CA PHE A 171 -6.80 14.74 -3.49
C PHE A 171 -7.24 15.63 -2.32
N PRO A 172 -6.35 16.00 -1.38
CA PRO A 172 -6.79 16.91 -0.31
C PRO A 172 -7.29 18.26 -0.82
N PHE A 173 -6.63 18.82 -1.85
CA PHE A 173 -7.09 20.10 -2.38
C PHE A 173 -8.47 19.98 -3.01
N LEU A 174 -8.69 18.94 -3.83
CA LEU A 174 -10.00 18.76 -4.44
C LEU A 174 -11.07 18.54 -3.40
N LEU A 175 -10.79 17.77 -2.35
CA LEU A 175 -11.77 17.58 -1.31
C LEU A 175 -12.05 18.83 -0.50
N LYS A 176 -11.02 19.62 -0.18
CA LYS A 176 -11.21 20.87 0.54
C LYS A 176 -11.89 21.93 -0.32
N ARG A 177 -11.91 21.73 -1.65
CA ARG A 177 -12.65 22.63 -2.50
C ARG A 177 -14.13 22.61 -2.16
N LEU A 178 -14.67 21.43 -1.88
CA LEU A 178 -16.08 21.30 -1.50
C LEU A 178 -16.24 21.46 0.01
N ASN A 184 -22.09 13.85 10.19
CA ASN A 184 -20.67 13.84 10.48
C ASN A 184 -20.24 12.52 11.09
N ILE A 185 -20.70 11.41 10.50
CA ILE A 185 -20.37 10.07 10.96
C ILE A 185 -19.84 9.28 9.78
N ILE A 186 -18.69 8.64 9.95
CA ILE A 186 -18.07 7.82 8.91
C ILE A 186 -18.13 6.37 9.37
N PRO A 187 -18.86 5.49 8.69
CA PRO A 187 -18.89 4.07 9.08
C PRO A 187 -17.66 3.32 8.61
N HIS A 188 -16.54 3.58 9.29
CA HIS A 188 -15.25 3.03 8.90
C HIS A 188 -14.34 3.06 10.12
N THR A 189 -13.04 2.84 9.90
CA THR A 189 -12.05 2.99 10.96
C THR A 189 -10.92 3.95 10.60
N TYR A 190 -10.84 4.41 9.35
CA TYR A 190 -9.85 5.40 8.96
C TYR A 190 -10.42 6.21 7.80
N CYS A 191 -9.85 7.39 7.59
CA CYS A 191 -10.31 8.30 6.55
C CYS A 191 -9.94 7.74 5.19
N GLU A 192 -10.90 7.19 4.47
CA GLU A 192 -10.69 6.74 3.10
C GLU A 192 -11.34 7.76 2.16
N HIS A 193 -10.66 8.04 1.05
CA HIS A 193 -11.12 9.10 0.16
C HIS A 193 -12.49 8.76 -0.44
N MET A 194 -12.68 7.51 -0.87
CA MET A 194 -13.98 7.12 -1.41
C MET A 194 -15.06 7.17 -0.33
N GLY A 195 -14.74 6.73 0.89
CA GLY A 195 -15.72 6.79 1.96
C GLY A 195 -16.03 8.20 2.39
N VAL A 196 -15.00 9.06 2.49
CA VAL A 196 -15.22 10.44 2.91
C VAL A 196 -16.00 11.19 1.84
N ALA A 197 -15.76 10.89 0.57
CA ALA A 197 -16.43 11.61 -0.52
C ALA A 197 -17.94 11.41 -0.52
N LYS A 198 -18.45 10.40 0.17
CA LYS A 198 -19.89 10.22 0.29
C LYS A 198 -20.55 11.29 1.14
N LEU A 199 -19.77 12.10 1.85
CA LEU A 199 -20.32 13.16 2.69
C LEU A 199 -20.47 14.46 1.90
N ILE A 204 -18.68 13.49 -6.15
CA ILE A 204 -19.69 12.49 -6.46
C ILE A 204 -19.44 11.91 -7.85
N LYS A 205 -19.90 12.63 -8.87
CA LYS A 205 -19.76 12.18 -10.25
C LYS A 205 -18.51 12.73 -10.93
N VAL A 206 -17.69 13.51 -10.22
CA VAL A 206 -16.50 14.11 -10.79
C VAL A 206 -15.23 13.56 -10.14
N ASN A 207 -15.24 13.38 -8.83
CA ASN A 207 -14.05 12.87 -8.14
C ASN A 207 -13.74 11.45 -8.55
N ILE A 208 -14.78 10.66 -8.87
CA ILE A 208 -14.57 9.27 -9.25
C ILE A 208 -13.77 9.14 -10.54
N ILE A 209 -13.90 10.11 -11.46
CA ILE A 209 -13.12 10.04 -12.71
C ILE A 209 -11.63 10.11 -12.41
N TYR A 210 -11.23 11.07 -11.57
CA TYR A 210 -9.82 11.19 -11.23
C TYR A 210 -9.36 10.02 -10.36
N GLY A 211 -10.23 9.53 -9.46
CA GLY A 211 -9.89 8.37 -8.67
C GLY A 211 -9.65 7.13 -9.51
N LEU A 212 -10.39 6.99 -10.61
CA LEU A 212 -10.16 5.90 -11.55
C LEU A 212 -8.94 6.13 -12.42
N PHE A 213 -8.66 7.39 -12.79
CA PHE A 213 -7.49 7.70 -13.61
C PHE A 213 -6.19 7.46 -12.86
N VAL A 214 -6.13 7.83 -11.58
CA VAL A 214 -4.91 7.61 -10.81
C VAL A 214 -4.66 6.11 -10.61
N ALA A 215 -5.71 5.32 -10.44
CA ALA A 215 -5.53 3.87 -10.29
C ALA A 215 -4.91 3.25 -11.53
N LEU A 216 -5.28 3.72 -12.72
CA LEU A 216 -4.77 3.18 -13.97
C LEU A 216 -3.51 3.90 -14.44
N LEU A 217 -2.83 4.61 -13.53
CA LEU A 217 -1.57 5.27 -13.84
C LEU A 217 -0.44 4.81 -12.93
N ILE A 218 -0.73 4.47 -11.68
CA ILE A 218 0.28 3.97 -10.76
C ILE A 218 0.07 2.50 -10.40
N VAL A 219 -1.09 1.94 -10.71
CA VAL A 219 -1.35 0.53 -10.40
C VAL A 219 -1.64 -0.23 -11.68
N GLY A 220 -2.45 0.37 -12.57
CA GLY A 220 -2.76 -0.28 -13.83
C GLY A 220 -1.56 -0.44 -14.74
N LEU A 221 -0.70 0.57 -14.79
CA LEU A 221 0.52 0.49 -15.59
C LEU A 221 1.57 -0.43 -14.98
N ASP A 222 1.56 -0.60 -13.66
CA ASP A 222 2.48 -1.52 -13.02
C ASP A 222 2.25 -2.95 -13.49
N VAL A 223 0.99 -3.35 -13.65
CA VAL A 223 0.68 -4.69 -14.13
C VAL A 223 1.27 -4.90 -15.52
N ILE A 224 1.04 -3.94 -16.42
CA ILE A 224 1.52 -4.08 -17.79
C ILE A 224 3.04 -4.14 -17.82
N LEU A 225 3.71 -3.25 -17.09
CA LEU A 225 5.16 -3.25 -17.12
C LEU A 225 5.75 -4.50 -16.48
N ILE A 226 5.15 -5.01 -15.40
CA ILE A 226 5.66 -6.23 -14.79
C ILE A 226 5.46 -7.42 -15.73
N ALA A 227 4.30 -7.50 -16.38
CA ALA A 227 4.08 -8.58 -17.33
C ALA A 227 5.06 -8.52 -18.49
N LEU A 228 5.34 -7.32 -19.00
CA LEU A 228 6.31 -7.16 -20.07
C LEU A 228 7.73 -7.48 -19.63
N SER A 229 8.09 -7.18 -18.39
CA SER A 229 9.40 -7.52 -17.87
C SER A 229 9.54 -8.98 -17.50
N TYR A 230 8.43 -9.69 -17.33
CA TYR A 230 8.49 -11.13 -17.07
C TYR A 230 8.45 -11.97 -18.34
N VAL A 231 7.65 -11.57 -19.33
CA VAL A 231 7.69 -12.25 -20.61
C VAL A 231 9.06 -12.15 -21.26
N LEU A 232 9.70 -10.97 -21.22
CA LEU A 232 11.04 -10.83 -21.75
C LEU A 232 12.06 -11.70 -21.02
N ILE A 233 11.96 -11.78 -19.68
CA ILE A 233 12.87 -12.66 -18.95
C ILE A 233 12.66 -14.11 -19.37
N LEU A 234 11.42 -14.59 -19.39
CA LEU A 234 11.18 -15.99 -19.72
C LEU A 234 11.50 -16.29 -21.18
N ARG A 235 11.48 -15.28 -22.05
CA ARG A 235 11.79 -15.48 -23.45
C ARG A 235 13.28 -15.69 -23.70
N ALA A 236 14.07 -15.21 -22.74
CA ALA A 236 15.54 -15.26 -22.72
C ALA A 236 16.19 -16.62 -22.49
N LEU A 355 18.58 -22.47 -15.44
CA LEU A 355 17.45 -22.47 -14.52
C LEU A 355 17.66 -21.78 -13.18
N LYS A 356 18.86 -21.91 -12.59
CA LYS A 356 19.05 -21.31 -11.27
C LYS A 356 18.76 -19.82 -11.28
N ALA A 357 19.11 -19.12 -12.36
CA ALA A 357 18.88 -17.69 -12.44
C ALA A 357 17.40 -17.34 -12.46
N LEU A 358 16.54 -18.27 -12.89
CA LEU A 358 15.10 -18.05 -12.87
C LEU A 358 14.49 -18.30 -11.49
N SER A 359 15.21 -18.95 -10.58
CA SER A 359 14.71 -19.21 -9.24
C SER A 359 14.96 -18.06 -8.28
N THR A 360 15.86 -17.13 -8.62
CA THR A 360 16.04 -15.90 -7.86
C THR A 360 14.86 -14.95 -8.02
N CYS A 361 14.12 -15.06 -9.11
CA CYS A 361 12.95 -14.25 -9.37
C CYS A 361 11.68 -14.84 -8.75
N GLY A 362 11.78 -16.02 -8.13
CA GLY A 362 10.62 -16.66 -7.55
C GLY A 362 10.04 -15.95 -6.34
N SER A 363 10.89 -15.39 -5.48
CA SER A 363 10.39 -14.72 -4.28
C SER A 363 9.61 -13.45 -4.62
N HIS A 364 9.99 -12.77 -5.69
CA HIS A 364 9.32 -11.54 -6.10
C HIS A 364 7.93 -11.80 -6.67
N ILE A 365 7.64 -13.02 -7.12
CA ILE A 365 6.31 -13.33 -7.61
C ILE A 365 5.32 -13.45 -6.45
N CYS A 366 5.79 -13.96 -5.30
CA CYS A 366 4.92 -14.10 -4.15
C CYS A 366 4.43 -12.75 -3.64
N VAL A 367 5.31 -11.74 -3.66
CA VAL A 367 4.93 -10.40 -3.21
C VAL A 367 3.84 -9.84 -4.11
N ILE A 368 4.00 -9.99 -5.43
CA ILE A 368 2.98 -9.54 -6.37
C ILE A 368 1.67 -10.26 -6.10
N LEU A 369 1.72 -11.58 -5.92
CA LEU A 369 0.51 -12.35 -5.68
C LEU A 369 -0.18 -11.92 -4.40
N ALA A 370 0.60 -11.57 -3.37
CA ALA A 370 0.02 -11.20 -2.08
C ALA A 370 -0.43 -9.74 -2.03
N PHE A 371 0.03 -8.91 -2.95
CA PHE A 371 -0.33 -7.49 -2.95
C PHE A 371 -1.36 -7.07 -4.00
N TYR A 372 -1.37 -7.76 -5.12
CA TYR A 372 -2.28 -7.44 -6.21
C TYR A 372 -3.61 -8.17 -6.10
N THR A 373 -3.57 -9.47 -5.79
CA THR A 373 -4.79 -10.25 -5.68
C THR A 373 -5.74 -9.70 -4.62
N PRO A 374 -5.29 -9.30 -3.43
CA PRO A 374 -6.22 -8.60 -2.52
C PRO A 374 -6.78 -7.33 -3.13
N ALA A 375 -6.00 -6.61 -3.92
CA ALA A 375 -6.51 -5.41 -4.57
C ALA A 375 -7.62 -5.75 -5.56
N PHE A 376 -7.44 -6.82 -6.34
CA PHE A 376 -8.49 -7.24 -7.27
C PHE A 376 -9.74 -7.70 -6.52
N PHE A 377 -9.56 -8.45 -5.42
CA PHE A 377 -10.71 -8.88 -4.64
C PHE A 377 -11.45 -7.68 -4.06
N SER A 378 -10.72 -6.69 -3.54
CA SER A 378 -11.34 -5.47 -3.03
C SER A 378 -12.07 -4.72 -4.12
N PHE A 379 -11.48 -4.63 -5.30
CA PHE A 379 -12.14 -3.95 -6.42
C PHE A 379 -13.44 -4.66 -6.80
N LEU A 380 -13.41 -6.00 -6.85
CA LEU A 380 -14.64 -6.73 -7.16
C LEU A 380 -15.69 -6.54 -6.08
N THR A 381 -15.30 -6.57 -4.80
CA THR A 381 -16.26 -6.40 -3.72
C THR A 381 -16.70 -4.95 -3.54
N HIS A 382 -15.97 -4.00 -4.11
CA HIS A 382 -16.36 -2.59 -4.05
C HIS A 382 -17.18 -2.17 -5.25
N ARG A 383 -17.46 -3.08 -6.18
CA ARG A 383 -18.28 -2.78 -7.35
C ARG A 383 -19.48 -3.70 -7.51
N PHE A 384 -19.44 -4.93 -7.00
CA PHE A 384 -20.59 -5.83 -7.07
C PHE A 384 -21.06 -6.31 -5.70
N GLY A 385 -20.37 -5.93 -4.63
CA GLY A 385 -20.71 -6.40 -3.30
C GLY A 385 -21.85 -5.64 -2.65
N HIS A 386 -23.08 -5.91 -3.09
CA HIS A 386 -24.25 -5.25 -2.54
C HIS A 386 -25.01 -6.08 -1.53
N HIS A 387 -25.11 -7.41 -1.74
CA HIS A 387 -25.88 -8.24 -0.84
C HIS A 387 -25.19 -8.44 0.50
N ILE A 388 -23.86 -8.38 0.52
CA ILE A 388 -23.15 -8.56 1.77
C ILE A 388 -23.37 -7.37 2.71
N PRO A 389 -23.57 -7.65 4.00
CA PRO A 389 -23.76 -6.53 4.94
C PRO A 389 -22.51 -5.70 5.08
N PRO A 390 -22.64 -4.42 5.46
CA PRO A 390 -21.48 -3.51 5.42
C PRO A 390 -20.32 -3.91 6.33
N TYR A 391 -20.59 -4.55 7.46
CA TYR A 391 -19.50 -4.89 8.38
C TYR A 391 -18.52 -5.86 7.74
N ILE A 392 -19.02 -6.76 6.89
CA ILE A 392 -18.13 -7.63 6.13
C ILE A 392 -17.25 -6.81 5.21
N HIS A 393 -17.84 -5.76 4.62
CA HIS A 393 -17.10 -4.87 3.73
C HIS A 393 -15.98 -4.16 4.48
N ILE A 394 -16.26 -3.73 5.71
CA ILE A 394 -15.26 -3.03 6.51
C ILE A 394 -14.14 -3.99 6.91
N LEU A 395 -14.50 -5.19 7.35
CA LEU A 395 -13.49 -6.17 7.72
C LEU A 395 -12.61 -6.55 6.52
N LEU A 396 -13.23 -6.73 5.36
CA LEU A 396 -12.48 -7.09 4.16
C LEU A 396 -11.52 -5.98 3.75
N ALA A 397 -11.99 -4.73 3.79
CA ALA A 397 -11.10 -3.62 3.44
C ALA A 397 -9.93 -3.51 4.41
N ASN A 398 -10.20 -3.64 5.70
CA ASN A 398 -9.12 -3.59 6.68
C ASN A 398 -8.11 -4.71 6.44
N LEU A 399 -8.61 -5.93 6.20
CA LEU A 399 -7.70 -7.05 5.95
C LEU A 399 -6.88 -6.84 4.70
N TYR A 400 -7.52 -6.40 3.61
CA TYR A 400 -6.80 -6.21 2.36
C TYR A 400 -5.76 -5.10 2.48
N LEU A 401 -6.02 -4.09 3.30
CA LEU A 401 -5.02 -3.04 3.52
C LEU A 401 -3.91 -3.47 4.47
N LEU A 402 -4.19 -4.38 5.40
CA LEU A 402 -3.25 -4.68 6.47
C LEU A 402 -2.40 -5.93 6.26
N VAL A 403 -2.90 -6.95 5.57
CA VAL A 403 -2.15 -8.19 5.45
C VAL A 403 -0.91 -8.11 4.56
N PRO A 404 -0.83 -7.25 3.53
CA PRO A 404 0.45 -7.12 2.80
C PRO A 404 1.58 -6.64 3.71
N PRO A 405 1.33 -5.68 4.61
CA PRO A 405 2.36 -5.38 5.62
C PRO A 405 2.78 -6.57 6.47
N MET A 406 1.87 -7.50 6.74
CA MET A 406 2.26 -8.68 7.50
C MET A 406 3.08 -9.64 6.65
N LEU A 407 2.68 -9.83 5.39
CA LEU A 407 3.27 -10.87 4.56
C LEU A 407 4.65 -10.46 4.03
N ASN A 408 4.83 -9.18 3.70
CA ASN A 408 6.06 -8.77 3.02
C ASN A 408 7.33 -9.05 3.81
N PRO A 409 7.47 -8.66 5.08
CA PRO A 409 8.76 -8.92 5.76
C PRO A 409 9.05 -10.39 5.97
N ILE A 410 8.01 -11.22 6.15
CA ILE A 410 8.21 -12.65 6.35
C ILE A 410 8.73 -13.33 5.09
N ILE A 411 8.42 -12.81 3.91
CA ILE A 411 8.86 -13.43 2.67
C ILE A 411 10.33 -13.12 2.43
N TYR A 412 10.71 -11.86 2.59
CA TYR A 412 12.07 -11.40 2.32
C TYR A 412 12.96 -11.48 3.57
#